data_6XQI
#
_entry.id   6XQI
#
_cell.length_a   130.165
_cell.length_b   130.165
_cell.length_c   81.305
_cell.angle_alpha   90.000
_cell.angle_beta   90.000
_cell.angle_gamma   120.000
#
_symmetry.space_group_name_H-M   'P 31 2 1'
#
loop_
_entity.id
_entity.type
_entity.pdbx_description
1 polymer 'Protein Vpr'
2 polymer 'UV excision repair protein RAD23 homolog A'
3 polymer ASN-PRO-LEU-GLU-PHE-LEU
4 non-polymer 'ZINC ION'
5 water water
#
loop_
_entity_poly.entity_id
_entity_poly.type
_entity_poly.pdbx_seq_one_letter_code
_entity_poly.pdbx_strand_id
1 'polypeptide(L)' ANEWTLELLEELKSEAVRHFPRIWLHNLGQHIYETYGDTWAGVEAIIRILQQLLFIHFRIGCSH A,B,C,D
2 'polypeptide(L)' QEKEAIERLKALGFPESLVIQAYFACEKNENLAANFLLSQ F,G
3 'polypeptide(L)' NPLEFL H,I
#
loop_
_chem_comp.id
_chem_comp.type
_chem_comp.name
_chem_comp.formula
ZN non-polymer 'ZINC ION' 'Zn 2'
#
# COMPACT_ATOMS: atom_id res chain seq x y z
N GLU A 3 -11.76 8.66 14.42
CA GLU A 3 -10.44 9.15 14.04
C GLU A 3 -9.75 8.13 13.10
N TRP A 4 -9.53 6.91 13.60
CA TRP A 4 -9.00 5.82 12.79
C TRP A 4 -9.86 5.65 11.53
N THR A 5 -11.16 5.89 11.65
CA THR A 5 -12.07 5.82 10.52
C THR A 5 -11.64 6.78 9.41
N LEU A 6 -11.04 7.93 9.78
CA LEU A 6 -10.64 8.90 8.78
C LEU A 6 -9.42 8.44 7.98
N GLU A 7 -8.42 7.83 8.65
CA GLU A 7 -7.30 7.31 7.87
C GLU A 7 -7.73 6.16 6.96
N LEU A 8 -8.60 5.28 7.45
CA LEU A 8 -9.15 4.25 6.59
C LEU A 8 -9.87 4.87 5.40
N LEU A 9 -10.73 5.86 5.66
CA LEU A 9 -11.48 6.50 4.58
C LEU A 9 -10.53 7.13 3.57
N GLU A 10 -9.44 7.72 4.05
CA GLU A 10 -8.46 8.30 3.13
C GLU A 10 -7.78 7.20 2.31
N GLU A 11 -7.54 6.03 2.90
CA GLU A 11 -6.92 4.95 2.13
C GLU A 11 -7.88 4.40 1.07
N LEU A 12 -9.15 4.21 1.42
CA LEU A 12 -10.12 3.80 0.40
C LEU A 12 -10.20 4.79 -0.76
N LYS A 13 -10.28 6.10 -0.45
CA LYS A 13 -10.48 7.09 -1.51
C LYS A 13 -9.31 7.13 -2.47
N SER A 14 -8.08 7.04 -1.97
CA SER A 14 -6.94 7.04 -2.87
C SER A 14 -7.03 5.89 -3.86
N GLU A 15 -7.39 4.70 -3.39
CA GLU A 15 -7.59 3.58 -4.29
C GLU A 15 -8.80 3.83 -5.19
N ALA A 16 -9.92 4.28 -4.61
CA ALA A 16 -11.17 4.43 -5.35
C ALA A 16 -11.03 5.38 -6.55
N VAL A 17 -10.33 6.51 -6.38
CA VAL A 17 -10.24 7.44 -7.50
C VAL A 17 -9.41 6.91 -8.66
N ARG A 18 -8.64 5.84 -8.46
CA ARG A 18 -7.96 5.21 -9.58
C ARG A 18 -8.91 4.39 -10.45
N HIS A 19 -10.08 4.04 -9.94
CA HIS A 19 -10.96 3.11 -10.63
C HIS A 19 -12.34 3.66 -10.89
N PHE A 20 -12.79 4.67 -10.18
CA PHE A 20 -14.17 5.04 -10.40
C PHE A 20 -14.25 6.45 -10.96
N PRO A 21 -15.08 6.67 -11.97
CA PRO A 21 -15.19 8.00 -12.57
C PRO A 21 -15.71 9.02 -11.57
N ARG A 22 -15.32 10.28 -11.76
CA ARG A 22 -15.79 11.33 -10.88
C ARG A 22 -17.32 11.41 -10.89
N ILE A 23 -17.93 11.15 -12.03
CA ILE A 23 -19.39 11.23 -12.09
C ILE A 23 -20.02 10.21 -11.15
N TRP A 24 -19.40 9.03 -11.04
CA TRP A 24 -20.00 8.04 -10.16
C TRP A 24 -19.76 8.39 -8.70
N LEU A 25 -18.56 8.82 -8.35
CA LEU A 25 -18.29 9.24 -6.97
C LEU A 25 -19.22 10.39 -6.55
N HIS A 26 -19.51 11.31 -7.46
CA HIS A 26 -20.48 12.36 -7.12
C HIS A 26 -21.84 11.75 -6.79
N ASN A 27 -22.27 10.76 -7.60
CA ASN A 27 -23.56 10.13 -7.33
C ASN A 27 -23.53 9.38 -6.01
N LEU A 28 -22.40 8.75 -5.68
CA LEU A 28 -22.24 8.15 -4.36
C LEU A 28 -22.42 9.20 -3.25
N GLY A 29 -21.72 10.33 -3.37
CA GLY A 29 -21.86 11.36 -2.36
C GLY A 29 -23.29 11.83 -2.21
N GLN A 30 -24.01 11.90 -3.34
CA GLN A 30 -25.40 12.30 -3.29
C GLN A 30 -26.23 11.27 -2.53
N HIS A 31 -25.97 9.98 -2.76
CA HIS A 31 -26.66 8.94 -2.01
C HIS A 31 -26.39 9.04 -0.51
N ILE A 32 -25.12 9.23 -0.14
CA ILE A 32 -24.75 9.29 1.27
C ILE A 32 -25.40 10.52 1.93
N TYR A 33 -25.44 11.65 1.25
CA TYR A 33 -26.05 12.84 1.82
C TYR A 33 -27.54 12.63 2.08
N GLU A 34 -28.26 12.13 1.08
CA GLU A 34 -29.71 11.95 1.24
C GLU A 34 -30.04 10.85 2.24
N THR A 35 -29.19 9.82 2.35
CA THR A 35 -29.48 8.73 3.27
C THR A 35 -29.01 9.02 4.68
N TYR A 36 -27.93 9.80 4.83
CA TYR A 36 -27.30 9.98 6.13
C TYR A 36 -27.04 11.42 6.51
N GLY A 37 -27.21 12.38 5.61
CA GLY A 37 -26.76 13.73 5.95
C GLY A 37 -25.25 13.76 6.14
N ASP A 38 -24.77 14.72 6.93
CA ASP A 38 -23.34 14.83 7.21
C ASP A 38 -22.93 14.14 8.50
N THR A 39 -23.74 13.21 9.00
CA THR A 39 -23.44 12.49 10.21
C THR A 39 -22.37 11.41 9.99
N TRP A 40 -21.78 10.96 11.09
CA TRP A 40 -20.66 10.03 11.01
C TRP A 40 -21.06 8.67 10.43
N ALA A 41 -22.33 8.27 10.57
CA ALA A 41 -22.76 7.04 9.94
C ALA A 41 -22.55 7.06 8.43
N GLY A 42 -22.57 8.25 7.83
CA GLY A 42 -22.32 8.36 6.41
C GLY A 42 -20.89 8.01 6.02
N VAL A 43 -19.92 8.43 6.85
CA VAL A 43 -18.53 8.09 6.60
C VAL A 43 -18.33 6.58 6.65
N GLU A 44 -19.00 5.90 7.58
CA GLU A 44 -18.84 4.45 7.67
C GLU A 44 -19.50 3.75 6.49
N ALA A 45 -20.63 4.29 6.00
CA ALA A 45 -21.26 3.72 4.82
C ALA A 45 -20.36 3.86 3.61
N ILE A 46 -19.77 5.04 3.43
CA ILE A 46 -18.90 5.26 2.28
C ILE A 46 -17.78 4.24 2.27
N ILE A 47 -17.16 4.03 3.45
CA ILE A 47 -16.07 3.07 3.56
C ILE A 47 -16.52 1.68 3.16
N ARG A 48 -17.66 1.24 3.70
CA ARG A 48 -18.14 -0.09 3.38
C ARG A 48 -18.50 -0.23 1.90
N ILE A 49 -19.16 0.79 1.33
CA ILE A 49 -19.56 0.73 -0.07
C ILE A 49 -18.34 0.71 -0.99
N LEU A 50 -17.38 1.58 -0.75
CA LEU A 50 -16.21 1.61 -1.64
C LEU A 50 -15.44 0.31 -1.56
N GLN A 51 -15.37 -0.29 -0.38
CA GLN A 51 -14.67 -1.56 -0.25
C GLN A 51 -15.34 -2.64 -1.08
N GLN A 52 -16.64 -2.83 -0.92
CA GLN A 52 -17.29 -3.92 -1.65
C GLN A 52 -17.27 -3.67 -3.15
N LEU A 53 -17.47 -2.41 -3.56
CA LEU A 53 -17.48 -2.08 -4.98
C LEU A 53 -16.10 -2.27 -5.61
N LEU A 54 -15.02 -1.93 -4.89
CA LEU A 54 -13.68 -2.20 -5.41
C LEU A 54 -13.47 -3.68 -5.66
N PHE A 55 -13.91 -4.54 -4.73
CA PHE A 55 -13.73 -5.97 -4.95
C PHE A 55 -14.57 -6.44 -6.13
N ILE A 56 -15.81 -5.96 -6.22
CA ILE A 56 -16.66 -6.30 -7.37
C ILE A 56 -16.02 -5.81 -8.66
N HIS A 57 -15.43 -4.62 -8.62
CA HIS A 57 -14.75 -4.07 -9.79
C HIS A 57 -13.58 -4.94 -10.24
N PHE A 58 -12.77 -5.47 -9.31
CA PHE A 58 -11.60 -6.26 -9.71
C PHE A 58 -11.99 -7.61 -10.30
N ARG A 59 -13.04 -8.28 -9.78
CA ARG A 59 -13.40 -9.55 -10.40
C ARG A 59 -13.93 -9.34 -11.80
N ILE A 60 -14.65 -8.25 -12.03
CA ILE A 60 -15.12 -7.96 -13.39
C ILE A 60 -13.94 -7.81 -14.32
N GLY A 61 -12.91 -7.10 -13.89
CA GLY A 61 -11.76 -6.88 -14.75
C GLY A 61 -11.36 -5.43 -14.72
N CYS A 62 -10.22 -5.14 -14.10
CA CYS A 62 -9.77 -3.76 -14.03
C CYS A 62 -8.94 -3.48 -15.28
N SER A 63 -9.39 -2.53 -16.08
CA SER A 63 -8.70 -2.18 -17.31
C SER A 63 -7.62 -1.14 -17.08
N HIS A 64 -7.46 -0.68 -15.85
CA HIS A 64 -6.58 0.43 -15.55
C HIS A 64 -5.14 -0.07 -15.39
N GLU B 3 -19.34 -4.62 15.55
CA GLU B 3 -20.47 -4.05 14.85
C GLU B 3 -20.10 -3.85 13.39
N TRP B 4 -20.12 -2.58 12.96
CA TRP B 4 -19.70 -2.22 11.62
C TRP B 4 -18.25 -2.64 11.34
N THR B 5 -17.36 -2.49 12.35
CA THR B 5 -15.96 -2.87 12.15
C THR B 5 -15.83 -4.35 11.87
N LEU B 6 -16.65 -5.17 12.55
CA LEU B 6 -16.57 -6.61 12.36
C LEU B 6 -17.11 -7.01 10.99
N GLU B 7 -18.16 -6.33 10.53
CA GLU B 7 -18.67 -6.58 9.18
C GLU B 7 -17.62 -6.21 8.13
N LEU B 8 -16.96 -5.07 8.32
CA LEU B 8 -15.88 -4.68 7.43
C LEU B 8 -14.78 -5.74 7.37
N LEU B 9 -14.34 -6.21 8.53
CA LEU B 9 -13.29 -7.22 8.59
C LEU B 9 -13.72 -8.53 7.93
N GLU B 10 -14.98 -8.93 8.14
CA GLU B 10 -15.43 -10.18 7.56
C GLU B 10 -15.43 -10.11 6.03
N GLU B 11 -15.71 -8.93 5.47
CA GLU B 11 -15.64 -8.78 4.02
C GLU B 11 -14.19 -8.92 3.54
N LEU B 12 -13.25 -8.24 4.21
CA LEU B 12 -11.83 -8.35 3.89
C LEU B 12 -11.33 -9.80 3.96
N LYS B 13 -11.69 -10.50 5.03
CA LYS B 13 -11.21 -11.86 5.22
C LYS B 13 -11.72 -12.77 4.13
N SER B 14 -12.98 -12.56 3.70
CA SER B 14 -13.56 -13.37 2.62
C SER B 14 -12.85 -13.12 1.30
N GLU B 15 -12.60 -11.85 0.97
CA GLU B 15 -11.88 -11.55 -0.26
C GLU B 15 -10.44 -12.03 -0.18
N ALA B 16 -9.75 -11.74 0.95
CA ALA B 16 -8.32 -12.02 1.06
C ALA B 16 -8.03 -13.49 0.83
N VAL B 17 -8.87 -14.36 1.37
CA VAL B 17 -8.66 -15.79 1.27
C VAL B 17 -8.75 -16.30 -0.17
N ARG B 18 -9.32 -15.51 -1.08
CA ARG B 18 -9.31 -15.83 -2.50
C ARG B 18 -7.97 -15.53 -3.16
N HIS B 19 -7.07 -14.76 -2.53
CA HIS B 19 -5.87 -14.36 -3.24
C HIS B 19 -4.58 -14.77 -2.58
N PHE B 20 -4.61 -15.09 -1.29
CA PHE B 20 -3.45 -15.41 -0.47
C PHE B 20 -3.73 -16.70 0.29
N PRO B 21 -2.71 -17.54 0.55
CA PRO B 21 -2.96 -18.81 1.22
C PRO B 21 -3.57 -18.60 2.60
N ARG B 22 -4.48 -19.50 2.97
CA ARG B 22 -5.23 -19.32 4.20
C ARG B 22 -4.35 -19.40 5.43
N ILE B 23 -3.43 -20.39 5.48
CA ILE B 23 -2.57 -20.53 6.66
C ILE B 23 -1.68 -19.30 6.81
N TRP B 24 -1.27 -18.70 5.70
CA TRP B 24 -0.43 -17.53 5.78
C TRP B 24 -1.21 -16.33 6.30
N LEU B 25 -2.46 -16.13 5.85
CA LEU B 25 -3.29 -15.10 6.45
C LEU B 25 -3.53 -15.40 7.91
N HIS B 26 -3.78 -16.67 8.23
CA HIS B 26 -4.01 -17.04 9.61
C HIS B 26 -2.80 -16.71 10.46
N ASN B 27 -1.59 -16.99 9.95
CA ASN B 27 -0.38 -16.65 10.68
C ASN B 27 -0.21 -15.15 10.81
N LEU B 28 -0.58 -14.36 9.80
CA LEU B 28 -0.62 -12.90 9.98
C LEU B 28 -1.51 -12.52 11.16
N GLY B 29 -2.70 -13.14 11.24
CA GLY B 29 -3.60 -12.87 12.36
C GLY B 29 -3.00 -13.20 13.71
N GLN B 30 -2.24 -14.31 13.80
CA GLN B 30 -1.58 -14.61 15.08
C GLN B 30 -0.54 -13.56 15.45
N HIS B 31 0.23 -13.09 14.47
CA HIS B 31 1.19 -12.04 14.76
C HIS B 31 0.49 -10.79 15.27
N ILE B 32 -0.63 -10.40 14.66
CA ILE B 32 -1.38 -9.23 15.15
C ILE B 32 -1.91 -9.49 16.54
N TYR B 33 -2.40 -10.71 16.79
CA TYR B 33 -2.84 -11.03 18.14
C TYR B 33 -1.69 -10.88 19.14
N GLU B 34 -0.46 -11.25 18.74
CA GLU B 34 0.64 -11.16 19.69
C GLU B 34 0.97 -9.72 20.03
N THR B 35 0.76 -8.80 19.09
CA THR B 35 1.06 -7.36 19.20
C THR B 35 -0.06 -6.55 19.87
N TYR B 36 -1.31 -6.99 19.74
CA TYR B 36 -2.48 -6.24 20.20
C TYR B 36 -3.40 -6.99 21.15
N GLY B 37 -3.18 -8.29 21.38
CA GLY B 37 -4.16 -8.95 22.23
C GLY B 37 -5.52 -8.95 21.55
N ASP B 38 -6.58 -8.94 22.37
CA ASP B 38 -7.94 -8.98 21.87
C ASP B 38 -8.54 -7.60 21.69
N THR B 39 -7.71 -6.55 21.68
CA THR B 39 -8.25 -5.20 21.62
C THR B 39 -8.71 -4.87 20.21
N TRP B 40 -9.55 -3.82 20.12
CA TRP B 40 -10.05 -3.37 18.84
C TRP B 40 -8.92 -2.84 17.95
N ALA B 41 -7.84 -2.32 18.57
CA ALA B 41 -6.70 -1.88 17.78
C ALA B 41 -6.13 -3.02 16.94
N GLY B 42 -6.28 -4.27 17.39
CA GLY B 42 -5.85 -5.37 16.58
C GLY B 42 -6.72 -5.55 15.35
N VAL B 43 -8.04 -5.40 15.53
CA VAL B 43 -8.95 -5.48 14.39
C VAL B 43 -8.66 -4.34 13.43
N GLU B 44 -8.42 -3.16 13.98
CA GLU B 44 -8.19 -1.97 13.14
C GLU B 44 -6.88 -2.08 12.37
N ALA B 45 -5.84 -2.65 12.99
CA ALA B 45 -4.60 -2.85 12.24
C ALA B 45 -4.78 -3.85 11.10
N ILE B 46 -5.35 -5.03 11.40
CA ILE B 46 -5.43 -6.06 10.37
C ILE B 46 -6.30 -5.58 9.20
N ILE B 47 -7.38 -4.84 9.49
CA ILE B 47 -8.18 -4.29 8.40
C ILE B 47 -7.32 -3.47 7.46
N ARG B 48 -6.48 -2.59 8.02
CA ARG B 48 -5.63 -1.76 7.17
C ARG B 48 -4.63 -2.63 6.41
N ILE B 49 -4.03 -3.62 7.10
CA ILE B 49 -3.06 -4.51 6.44
C ILE B 49 -3.73 -5.34 5.33
N LEU B 50 -4.89 -5.92 5.61
CA LEU B 50 -5.53 -6.75 4.56
C LEU B 50 -5.89 -5.91 3.35
N GLN B 51 -6.38 -4.69 3.58
CA GLN B 51 -6.71 -3.81 2.46
C GLN B 51 -5.48 -3.53 1.62
N GLN B 52 -4.38 -3.12 2.28
CA GLN B 52 -3.19 -2.74 1.53
C GLN B 52 -2.60 -3.94 0.79
N LEU B 53 -2.64 -5.12 1.40
CA LEU B 53 -2.16 -6.32 0.71
C LEU B 53 -2.99 -6.60 -0.53
N LEU B 54 -4.32 -6.45 -0.44
CA LEU B 54 -5.18 -6.65 -1.61
C LEU B 54 -4.88 -5.63 -2.67
N PHE B 55 -4.70 -4.35 -2.28
CA PHE B 55 -4.50 -3.35 -3.33
C PHE B 55 -3.20 -3.60 -4.09
N ILE B 56 -2.08 -3.85 -3.38
CA ILE B 56 -0.84 -4.09 -4.12
C ILE B 56 -0.97 -5.35 -4.95
N HIS B 57 -1.70 -6.35 -4.47
CA HIS B 57 -1.91 -7.56 -5.26
C HIS B 57 -2.63 -7.25 -6.56
N PHE B 58 -3.70 -6.45 -6.50
CA PHE B 58 -4.40 -6.13 -7.73
C PHE B 58 -3.54 -5.24 -8.63
N ARG B 59 -2.74 -4.36 -8.05
CA ARG B 59 -1.89 -3.54 -8.90
C ARG B 59 -0.81 -4.38 -9.58
N ILE B 60 -0.27 -5.38 -8.88
CA ILE B 60 0.71 -6.27 -9.48
C ILE B 60 0.07 -7.07 -10.62
N GLY B 61 -1.12 -7.61 -10.39
CA GLY B 61 -1.83 -8.39 -11.38
C GLY B 61 -2.43 -9.64 -10.76
N CYS B 62 -3.75 -9.68 -10.61
CA CYS B 62 -4.40 -10.83 -10.01
C CYS B 62 -4.66 -11.84 -11.13
N SER B 63 -4.08 -13.04 -11.00
CA SER B 63 -4.29 -14.13 -11.97
C SER B 63 -5.50 -14.98 -11.61
N HIS B 64 -6.12 -14.71 -10.47
CA HIS B 64 -7.21 -15.54 -9.99
C HIS B 64 -8.53 -15.18 -10.67
N ASN C 2 18.90 -5.95 -12.98
CA ASN C 2 19.33 -7.24 -12.45
C ASN C 2 20.25 -7.04 -11.24
N GLU C 3 21.44 -6.49 -11.52
CA GLU C 3 22.32 -6.01 -10.46
C GLU C 3 21.57 -5.12 -9.47
N TRP C 4 21.10 -3.97 -9.94
CA TRP C 4 20.36 -3.02 -9.12
C TRP C 4 19.14 -3.64 -8.45
N THR C 5 18.39 -4.49 -9.15
CA THR C 5 17.19 -5.05 -8.53
C THR C 5 17.51 -5.97 -7.35
N LEU C 6 18.61 -6.72 -7.40
CA LEU C 6 18.93 -7.64 -6.32
C LEU C 6 19.37 -6.90 -5.06
N GLU C 7 20.22 -5.88 -5.19
CA GLU C 7 20.58 -5.11 -4.01
C GLU C 7 19.37 -4.37 -3.45
N LEU C 8 18.51 -3.86 -4.33
CA LEU C 8 17.25 -3.28 -3.88
C LEU C 8 16.46 -4.28 -3.05
N LEU C 9 16.33 -5.51 -3.55
CA LEU C 9 15.60 -6.52 -2.80
C LEU C 9 16.29 -6.85 -1.48
N GLU C 10 17.62 -6.91 -1.48
CA GLU C 10 18.33 -7.28 -0.26
C GLU C 10 18.12 -6.23 0.83
N GLU C 11 18.06 -4.95 0.45
CA GLU C 11 17.81 -3.92 1.43
C GLU C 11 16.41 -4.05 2.01
N LEU C 12 15.41 -4.28 1.14
CA LEU C 12 14.04 -4.51 1.57
C LEU C 12 13.93 -5.69 2.52
N LYS C 13 14.61 -6.80 2.20
CA LYS C 13 14.52 -7.99 3.03
C LYS C 13 15.11 -7.73 4.41
N SER C 14 16.24 -7.04 4.46
CA SER C 14 16.88 -6.76 5.73
C SER C 14 16.06 -5.77 6.56
N GLU C 15 15.46 -4.77 5.94
CA GLU C 15 14.54 -3.92 6.70
C GLU C 15 13.33 -4.73 7.14
N ALA C 16 12.76 -5.51 6.22
CA ALA C 16 11.51 -6.22 6.48
C ALA C 16 11.62 -7.11 7.71
N VAL C 17 12.76 -7.78 7.87
CA VAL C 17 12.95 -8.73 8.94
C VAL C 17 13.02 -8.08 10.32
N ARG C 18 13.21 -6.77 10.39
CA ARG C 18 13.11 -6.03 11.65
C ARG C 18 11.68 -5.79 12.12
N HIS C 19 10.68 -5.99 11.25
CA HIS C 19 9.32 -5.65 11.64
C HIS C 19 8.33 -6.81 11.54
N PHE C 20 8.64 -7.85 10.79
CA PHE C 20 7.72 -8.96 10.57
C PHE C 20 8.45 -10.25 10.88
N PRO C 21 7.75 -11.27 11.38
CA PRO C 21 8.44 -12.51 11.73
C PRO C 21 9.12 -13.11 10.49
N ARG C 22 10.31 -13.64 10.70
CA ARG C 22 11.12 -14.13 9.59
C ARG C 22 10.45 -15.31 8.87
N ILE C 23 9.85 -16.24 9.63
CA ILE C 23 9.22 -17.39 8.98
C ILE C 23 8.03 -16.94 8.14
N TRP C 24 7.33 -15.89 8.54
CA TRP C 24 6.17 -15.47 7.78
C TRP C 24 6.61 -14.82 6.47
N LEU C 25 7.65 -13.97 6.53
CA LEU C 25 8.22 -13.41 5.30
C LEU C 25 8.76 -14.53 4.41
N HIS C 26 9.40 -15.54 5.01
CA HIS C 26 9.89 -16.65 4.22
C HIS C 26 8.74 -17.36 3.52
N ASN C 27 7.62 -17.58 4.22
CA ASN C 27 6.47 -18.22 3.59
C ASN C 27 5.88 -17.33 2.48
N LEU C 28 5.87 -16.00 2.69
CA LEU C 28 5.50 -15.11 1.60
C LEU C 28 6.37 -15.36 0.37
N GLY C 29 7.69 -15.47 0.57
CA GLY C 29 8.58 -15.73 -0.55
C GLY C 29 8.26 -17.05 -1.25
N GLN C 30 7.88 -18.08 -0.49
CA GLN C 30 7.53 -19.35 -1.11
C GLN C 30 6.24 -19.23 -1.94
N HIS C 31 5.25 -18.47 -1.46
CA HIS C 31 4.06 -18.27 -2.28
C HIS C 31 4.43 -17.59 -3.59
N ILE C 32 5.31 -16.57 -3.54
CA ILE C 32 5.76 -15.91 -4.76
C ILE C 32 6.51 -16.88 -5.65
N TYR C 33 7.38 -17.71 -5.06
CA TYR C 33 8.06 -18.70 -5.87
C TYR C 33 7.05 -19.63 -6.57
N GLU C 34 5.98 -20.01 -5.86
CA GLU C 34 5.01 -20.91 -6.47
C GLU C 34 4.27 -20.23 -7.62
N THR C 35 4.08 -18.92 -7.53
CA THR C 35 3.35 -18.15 -8.53
C THR C 35 4.25 -17.74 -9.71
N TYR C 36 5.56 -17.61 -9.48
CA TYR C 36 6.46 -17.06 -10.49
C TYR C 36 7.70 -17.90 -10.79
N GLY C 37 7.96 -18.97 -10.06
CA GLY C 37 9.23 -19.64 -10.35
C GLY C 37 10.41 -18.74 -10.07
N ASP C 38 11.50 -18.95 -10.80
CA ASP C 38 12.73 -18.21 -10.61
C ASP C 38 12.80 -16.98 -11.48
N THR C 39 11.67 -16.53 -12.01
CA THR C 39 11.70 -15.43 -12.94
C THR C 39 11.90 -14.08 -12.23
N TRP C 40 12.36 -13.09 -12.99
CA TRP C 40 12.54 -11.75 -12.43
C TRP C 40 11.21 -11.14 -12.02
N ALA C 41 10.10 -11.57 -12.66
CA ALA C 41 8.79 -11.11 -12.23
C ALA C 41 8.52 -11.47 -10.77
N GLY C 42 9.09 -12.59 -10.29
CA GLY C 42 8.94 -12.93 -8.89
C GLY C 42 9.67 -11.96 -7.97
N VAL C 43 10.89 -11.57 -8.35
CA VAL C 43 11.64 -10.58 -7.59
C VAL C 43 10.91 -9.24 -7.63
N GLU C 44 10.40 -8.87 -8.80
CA GLU C 44 9.73 -7.59 -8.93
C GLU C 44 8.42 -7.57 -8.15
N ALA C 45 7.70 -8.69 -8.07
CA ALA C 45 6.49 -8.73 -7.27
C ALA C 45 6.82 -8.58 -5.78
N ILE C 46 7.74 -9.40 -5.28
CA ILE C 46 8.01 -9.39 -3.84
C ILE C 46 8.54 -8.03 -3.42
N ILE C 47 9.35 -7.38 -4.27
CA ILE C 47 9.84 -6.04 -3.93
C ILE C 47 8.68 -5.13 -3.63
N ARG C 48 7.66 -5.15 -4.50
CA ARG C 48 6.51 -4.27 -4.31
C ARG C 48 5.67 -4.68 -3.11
N ILE C 49 5.50 -5.99 -2.89
CA ILE C 49 4.75 -6.43 -1.71
C ILE C 49 5.47 -6.02 -0.43
N LEU C 50 6.81 -6.21 -0.37
CA LEU C 50 7.54 -5.87 0.85
C LEU C 50 7.46 -4.38 1.12
N GLN C 51 7.60 -3.56 0.07
CA GLN C 51 7.51 -2.12 0.24
C GLN C 51 6.16 -1.72 0.81
N GLN C 52 5.08 -2.22 0.20
CA GLN C 52 3.75 -1.81 0.63
C GLN C 52 3.45 -2.27 2.05
N LEU C 53 3.94 -3.46 2.43
CA LEU C 53 3.77 -3.95 3.79
C LEU C 53 4.50 -3.07 4.79
N LEU C 54 5.72 -2.67 4.47
CA LEU C 54 6.46 -1.76 5.35
C LEU C 54 5.74 -0.44 5.48
N PHE C 55 5.23 0.12 4.38
CA PHE C 55 4.60 1.45 4.51
C PHE C 55 3.34 1.39 5.36
N ILE C 56 2.48 0.38 5.13
CA ILE C 56 1.28 0.31 5.95
C ILE C 56 1.68 0.08 7.39
N HIS C 57 2.75 -0.69 7.61
CA HIS C 57 3.24 -0.91 8.96
C HIS C 57 3.69 0.40 9.60
N PHE C 58 4.45 1.21 8.87
CA PHE C 58 4.88 2.47 9.49
C PHE C 58 3.68 3.39 9.66
N ARG C 59 2.71 3.35 8.75
CA ARG C 59 1.55 4.21 8.92
C ARG C 59 0.70 3.78 10.11
N ILE C 60 0.52 2.47 10.33
CA ILE C 60 -0.26 2.02 11.48
C ILE C 60 0.42 2.43 12.78
N GLY C 61 1.74 2.28 12.84
CA GLY C 61 2.55 2.62 14.00
C GLY C 61 3.57 1.55 14.32
N CYS C 62 4.85 1.84 14.07
CA CYS C 62 5.91 0.88 14.32
C CYS C 62 6.36 1.05 15.76
N SER C 63 6.26 -0.04 16.56
CA SER C 63 6.67 -0.06 17.97
C SER C 63 8.12 -0.50 18.10
N HIS C 64 8.77 -0.86 17.00
CA HIS C 64 10.12 -1.39 17.04
C HIS C 64 11.16 -0.27 17.13
N ALA D 1 14.05 3.07 -19.99
CA ALA D 1 13.89 1.87 -20.80
C ALA D 1 13.27 0.72 -19.99
N ASN D 2 12.09 0.97 -19.42
CA ASN D 2 11.41 -0.02 -18.56
C ASN D 2 10.00 0.49 -18.27
N GLU D 3 9.28 -0.25 -17.42
CA GLU D 3 7.90 0.05 -17.04
C GLU D 3 7.62 -0.30 -15.59
N TRP D 4 7.99 -1.52 -15.19
CA TRP D 4 7.87 -1.88 -13.78
C TRP D 4 8.65 -0.88 -12.92
N THR D 5 9.78 -0.40 -13.44
CA THR D 5 10.58 0.64 -12.78
C THR D 5 9.77 1.92 -12.57
N LEU D 6 8.90 2.24 -13.53
CA LEU D 6 8.11 3.44 -13.41
C LEU D 6 7.01 3.29 -12.36
N GLU D 7 6.36 2.13 -12.31
CA GLU D 7 5.35 1.93 -11.26
C GLU D 7 5.98 1.93 -9.89
N LEU D 8 7.15 1.30 -9.76
CA LEU D 8 7.92 1.36 -8.52
C LEU D 8 8.25 2.80 -8.17
N LEU D 9 8.74 3.58 -9.14
CA LEU D 9 9.08 4.97 -8.86
C LEU D 9 7.88 5.75 -8.38
N GLU D 10 6.72 5.53 -9.00
CA GLU D 10 5.51 6.24 -8.60
C GLU D 10 5.09 5.86 -7.18
N GLU D 11 5.25 4.58 -6.80
CA GLU D 11 4.86 4.15 -5.47
C GLU D 11 5.79 4.75 -4.40
N LEU D 12 7.10 4.78 -4.67
CA LEU D 12 8.04 5.44 -3.76
C LEU D 12 7.70 6.91 -3.59
N LYS D 13 7.46 7.62 -4.71
CA LYS D 13 7.21 9.06 -4.62
C LYS D 13 5.95 9.33 -3.82
N SER D 14 4.93 8.48 -3.96
CA SER D 14 3.72 8.67 -3.19
C SER D 14 4.04 8.67 -1.71
N GLU D 15 4.83 7.70 -1.28
CA GLU D 15 5.23 7.67 0.12
C GLU D 15 6.16 8.83 0.44
N ALA D 16 7.15 9.07 -0.44
CA ALA D 16 8.20 10.05 -0.16
C ALA D 16 7.66 11.45 0.09
N VAL D 17 6.69 11.90 -0.72
CA VAL D 17 6.20 13.25 -0.53
C VAL D 17 5.43 13.42 0.77
N ARG D 18 5.02 12.32 1.43
CA ARG D 18 4.40 12.46 2.74
C ARG D 18 5.40 12.77 3.85
N HIS D 19 6.69 12.54 3.61
CA HIS D 19 7.70 12.67 4.65
C HIS D 19 8.82 13.62 4.32
N PHE D 20 9.03 13.97 3.06
CA PHE D 20 10.19 14.78 2.73
C PHE D 20 9.75 16.10 2.16
N PRO D 21 10.30 17.21 2.64
CA PRO D 21 9.91 18.53 2.13
C PRO D 21 10.33 18.75 0.67
N ARG D 22 9.58 19.61 -0.02
CA ARG D 22 9.86 19.87 -1.43
C ARG D 22 11.29 20.36 -1.64
N ILE D 23 11.80 21.16 -0.70
CA ILE D 23 13.15 21.70 -0.87
C ILE D 23 14.17 20.56 -0.93
N TRP D 24 13.95 19.50 -0.15
CA TRP D 24 14.90 18.40 -0.20
C TRP D 24 14.73 17.59 -1.48
N LEU D 25 13.48 17.31 -1.87
CA LEU D 25 13.27 16.58 -3.12
C LEU D 25 13.86 17.34 -4.31
N HIS D 26 13.73 18.68 -4.32
CA HIS D 26 14.36 19.45 -5.39
C HIS D 26 15.86 19.23 -5.42
N ASN D 27 16.49 19.23 -4.25
CA ASN D 27 17.92 19.01 -4.16
C ASN D 27 18.27 17.59 -4.59
N LEU D 28 17.43 16.61 -4.24
CA LEU D 28 17.64 15.26 -4.75
C LEU D 28 17.63 15.25 -6.27
N GLY D 29 16.63 15.90 -6.87
CA GLY D 29 16.57 15.97 -8.33
C GLY D 29 17.80 16.64 -8.92
N GLN D 30 18.29 17.66 -8.24
CA GLN D 30 19.48 18.35 -8.72
C GLN D 30 20.70 17.44 -8.71
N HIS D 31 20.85 16.64 -7.64
CA HIS D 31 21.94 15.67 -7.56
C HIS D 31 21.86 14.63 -8.67
N ILE D 32 20.66 14.09 -8.91
CA ILE D 32 20.49 13.04 -9.90
C ILE D 32 20.86 13.54 -11.29
N TYR D 33 20.46 14.77 -11.64
CA TYR D 33 20.81 15.32 -12.94
C TYR D 33 22.31 15.46 -13.10
N GLU D 34 22.99 15.97 -12.07
CA GLU D 34 24.43 16.16 -12.19
C GLU D 34 25.17 14.83 -12.29
N THR D 35 24.67 13.80 -11.62
CA THR D 35 25.38 12.53 -11.63
C THR D 35 24.99 11.66 -12.84
N TYR D 36 23.75 11.79 -13.32
CA TYR D 36 23.23 10.86 -14.32
C TYR D 36 22.65 11.54 -15.54
N GLY D 37 22.48 12.86 -15.54
CA GLY D 37 21.76 13.45 -16.65
C GLY D 37 20.32 12.95 -16.66
N ASP D 38 19.74 12.89 -17.86
CA ASP D 38 18.38 12.37 -18.01
C ASP D 38 18.36 10.88 -18.34
N THR D 39 19.45 10.17 -18.07
CA THR D 39 19.55 8.75 -18.41
C THR D 39 18.72 7.91 -17.44
N TRP D 40 18.44 6.67 -17.86
CA TRP D 40 17.62 5.79 -17.05
C TRP D 40 18.29 5.40 -15.73
N ALA D 41 19.63 5.37 -15.69
CA ALA D 41 20.31 5.09 -14.43
C ALA D 41 19.92 6.09 -13.34
N GLY D 42 19.54 7.31 -13.74
CA GLY D 42 19.08 8.28 -12.78
C GLY D 42 17.78 7.87 -12.11
N VAL D 43 16.87 7.28 -12.89
CA VAL D 43 15.62 6.78 -12.33
C VAL D 43 15.89 5.68 -11.32
N GLU D 44 16.83 4.79 -11.62
CA GLU D 44 17.12 3.70 -10.68
C GLU D 44 17.80 4.20 -9.42
N ALA D 45 18.65 5.22 -9.53
CA ALA D 45 19.26 5.80 -8.34
C ALA D 45 18.20 6.41 -7.46
N ILE D 46 17.26 7.16 -8.06
CA ILE D 46 16.23 7.83 -7.27
C ILE D 46 15.47 6.80 -6.46
N ILE D 47 15.09 5.69 -7.10
CA ILE D 47 14.37 4.63 -6.42
C ILE D 47 15.18 4.13 -5.23
N ARG D 48 16.45 3.84 -5.47
CA ARG D 48 17.29 3.32 -4.39
C ARG D 48 17.48 4.35 -3.29
N ILE D 49 17.74 5.62 -3.64
CA ILE D 49 17.97 6.64 -2.63
C ILE D 49 16.72 6.84 -1.77
N LEU D 50 15.55 6.93 -2.41
CA LEU D 50 14.34 7.19 -1.62
C LEU D 50 14.03 6.03 -0.69
N GLN D 51 14.25 4.79 -1.16
CA GLN D 51 13.98 3.64 -0.31
C GLN D 51 14.83 3.68 0.95
N GLN D 52 16.15 3.87 0.79
CA GLN D 52 17.03 3.86 1.96
C GLN D 52 16.72 5.02 2.91
N LEU D 53 16.45 6.21 2.34
CA LEU D 53 16.20 7.40 3.17
C LEU D 53 14.90 7.28 3.94
N LEU D 54 13.87 6.66 3.33
CA LEU D 54 12.63 6.44 4.05
C LEU D 54 12.85 5.59 5.31
N PHE D 55 13.61 4.50 5.19
CA PHE D 55 13.82 3.64 6.35
C PHE D 55 14.63 4.38 7.42
N ILE D 56 15.64 5.13 6.98
CA ILE D 56 16.41 5.95 7.92
C ILE D 56 15.49 6.95 8.60
N HIS D 57 14.57 7.54 7.84
CA HIS D 57 13.61 8.49 8.40
C HIS D 57 12.75 7.85 9.47
N PHE D 58 12.21 6.64 9.20
CA PHE D 58 11.34 6.00 10.18
C PHE D 58 12.11 5.58 11.41
N ARG D 59 13.37 5.20 11.22
CA ARG D 59 14.21 4.81 12.35
C ARG D 59 14.46 6.01 13.26
N ILE D 60 14.69 7.19 12.66
CA ILE D 60 14.88 8.41 13.45
C ILE D 60 13.61 8.74 14.21
N GLY D 61 12.45 8.63 13.55
CA GLY D 61 11.20 8.96 14.19
C GLY D 61 10.35 9.81 13.28
N CYS D 62 9.27 9.23 12.76
CA CYS D 62 8.39 9.97 11.87
C CYS D 62 7.33 10.67 12.69
N SER D 63 7.29 12.00 12.61
CA SER D 63 6.28 12.78 13.29
C SER D 63 5.03 13.00 12.43
N HIS D 64 5.02 12.51 11.20
CA HIS D 64 3.95 12.80 10.25
C HIS D 64 2.73 11.89 10.45
N GLN E 1 -40.25 -7.42 -3.80
CA GLN E 1 -40.38 -6.05 -4.26
C GLN E 1 -39.10 -5.51 -4.87
N GLU E 2 -37.98 -5.93 -4.29
CA GLU E 2 -36.68 -5.50 -4.77
C GLU E 2 -36.16 -6.38 -5.90
N LYS E 3 -36.77 -7.54 -6.14
CA LYS E 3 -36.45 -8.31 -7.34
C LYS E 3 -36.83 -7.55 -8.60
N GLU E 4 -37.79 -6.63 -8.52
CA GLU E 4 -38.12 -5.77 -9.64
C GLU E 4 -36.93 -4.89 -10.02
N ALA E 5 -36.27 -4.30 -9.01
CA ALA E 5 -35.10 -3.46 -9.28
C ALA E 5 -33.99 -4.25 -9.96
N ILE E 6 -33.67 -5.44 -9.44
CA ILE E 6 -32.59 -6.20 -10.07
C ILE E 6 -32.97 -6.65 -11.48
N GLU E 7 -34.27 -6.82 -11.76
CA GLU E 7 -34.66 -7.22 -13.11
C GLU E 7 -34.54 -6.04 -14.08
N ARG E 8 -34.92 -4.85 -13.66
CA ARG E 8 -34.64 -3.66 -14.45
C ARG E 8 -33.13 -3.52 -14.67
N LEU E 9 -32.34 -3.75 -13.62
CA LEU E 9 -30.89 -3.69 -13.76
C LEU E 9 -30.38 -4.72 -14.75
N LYS E 10 -30.89 -5.95 -14.69
CA LYS E 10 -30.48 -6.95 -15.68
C LYS E 10 -30.86 -6.53 -17.09
N ALA E 11 -32.04 -5.90 -17.25
CA ALA E 11 -32.48 -5.46 -18.57
C ALA E 11 -31.54 -4.43 -19.19
N LEU E 12 -30.68 -3.80 -18.39
CA LEU E 12 -29.63 -2.96 -18.95
C LEU E 12 -28.59 -3.76 -19.72
N GLY E 13 -28.61 -5.09 -19.60
CA GLY E 13 -27.63 -5.93 -20.27
C GLY E 13 -26.48 -6.31 -19.36
N PHE E 14 -26.78 -6.88 -18.20
CA PHE E 14 -25.75 -7.24 -17.24
C PHE E 14 -26.07 -8.57 -16.58
N PRO E 15 -25.05 -9.38 -16.31
CA PRO E 15 -25.27 -10.68 -15.67
C PRO E 15 -25.90 -10.54 -14.29
N GLU E 16 -26.79 -11.48 -13.97
CA GLU E 16 -27.54 -11.40 -12.71
C GLU E 16 -26.63 -11.40 -11.49
N SER E 17 -25.60 -12.24 -11.48
CA SER E 17 -24.75 -12.34 -10.29
C SER E 17 -24.07 -11.01 -10.00
N LEU E 18 -23.56 -10.35 -11.04
CA LEU E 18 -22.94 -9.04 -10.87
C LEU E 18 -23.97 -8.02 -10.41
N VAL E 19 -25.15 -8.03 -11.02
CA VAL E 19 -26.21 -7.09 -10.67
C VAL E 19 -26.56 -7.19 -9.18
N ILE E 20 -26.71 -8.43 -8.68
CA ILE E 20 -27.06 -8.62 -7.27
C ILE E 20 -25.96 -8.08 -6.36
N GLN E 21 -24.70 -8.36 -6.72
CA GLN E 21 -23.56 -7.86 -5.96
C GLN E 21 -23.54 -6.33 -5.91
N ALA E 22 -23.68 -5.68 -7.08
CA ALA E 22 -23.63 -4.21 -7.11
C ALA E 22 -24.83 -3.61 -6.41
N TYR E 23 -26.02 -4.16 -6.64
CA TYR E 23 -27.23 -3.62 -6.03
C TYR E 23 -27.14 -3.61 -4.51
N PHE E 24 -26.60 -4.69 -3.91
CA PHE E 24 -26.49 -4.71 -2.45
C PHE E 24 -25.30 -3.91 -1.96
N ALA E 25 -24.19 -3.89 -2.73
CA ALA E 25 -23.08 -3.03 -2.30
C ALA E 25 -23.48 -1.57 -2.34
N CYS E 26 -24.40 -1.18 -3.22
CA CYS E 26 -24.91 0.18 -3.27
C CYS E 26 -26.09 0.40 -2.34
N GLU E 27 -26.20 -0.39 -1.27
CA GLU E 27 -27.28 -0.33 -0.27
C GLU E 27 -28.61 -0.51 -1.00
N LYS E 28 -29.63 0.28 -0.73
CA LYS E 28 -30.82 -0.05 -1.48
C LYS E 28 -30.92 0.45 -2.91
N ASN E 29 -29.87 1.09 -3.43
CA ASN E 29 -30.03 2.14 -4.43
C ASN E 29 -29.90 1.61 -5.86
N GLU E 30 -31.05 1.43 -6.51
CA GLU E 30 -31.05 0.94 -7.89
C GLU E 30 -30.33 1.89 -8.86
N ASN E 31 -30.60 3.21 -8.76
CA ASN E 31 -29.95 4.13 -9.70
C ASN E 31 -28.44 4.18 -9.47
N LEU E 32 -27.98 4.15 -8.22
CA LEU E 32 -26.55 4.17 -7.99
C LEU E 32 -25.91 2.88 -8.50
N ALA E 33 -26.60 1.75 -8.36
CA ALA E 33 -26.05 0.51 -8.89
C ALA E 33 -25.97 0.55 -10.41
N ALA E 34 -27.02 1.06 -11.06
CA ALA E 34 -27.03 1.26 -12.51
C ALA E 34 -25.87 2.13 -12.97
N ASN E 35 -25.68 3.29 -12.34
CA ASN E 35 -24.57 4.15 -12.72
C ASN E 35 -23.23 3.44 -12.50
N PHE E 36 -23.14 2.60 -11.47
CA PHE E 36 -21.91 1.85 -11.26
C PHE E 36 -21.67 0.86 -12.38
N LEU E 37 -22.70 0.09 -12.75
CA LEU E 37 -22.57 -0.91 -13.80
C LEU E 37 -22.20 -0.28 -15.12
N LEU E 38 -22.88 0.81 -15.48
CA LEU E 38 -22.60 1.51 -16.73
C LEU E 38 -21.25 2.23 -16.72
N SER E 39 -20.61 2.37 -15.57
CA SER E 39 -19.27 2.95 -15.54
C SER E 39 -18.19 1.93 -15.80
N GLN E 40 -18.52 0.65 -15.88
CA GLN E 40 -17.55 -0.41 -16.11
C GLN E 40 -17.28 -0.58 -17.62
N GLN F 1 39.40 9.93 2.78
CA GLN F 1 39.06 11.27 2.34
C GLN F 1 37.61 11.64 2.69
N GLU F 2 36.73 10.65 2.64
CA GLU F 2 35.32 10.87 2.95
C GLU F 2 35.06 10.86 4.45
N LYS F 3 36.04 10.45 5.26
CA LYS F 3 35.94 10.64 6.70
C LYS F 3 35.87 12.10 7.05
N GLU F 4 36.44 12.97 6.20
CA GLU F 4 36.32 14.40 6.40
C GLU F 4 34.88 14.85 6.28
N ALA F 5 34.18 14.37 5.25
CA ALA F 5 32.78 14.72 5.07
C ALA F 5 31.94 14.28 6.26
N ILE F 6 32.17 13.05 6.74
CA ILE F 6 31.40 12.50 7.86
C ILE F 6 31.61 13.33 9.12
N GLU F 7 32.80 13.91 9.28
CA GLU F 7 33.07 14.72 10.47
C GLU F 7 32.43 16.09 10.39
N ARG F 8 32.47 16.72 9.22
CA ARG F 8 31.73 17.98 9.03
C ARG F 8 30.24 17.78 9.26
N LEU F 9 29.68 16.69 8.74
CA LEU F 9 28.28 16.40 8.98
C LEU F 9 28.01 16.20 10.46
N LYS F 10 28.90 15.49 11.16
CA LYS F 10 28.71 15.30 12.59
C LYS F 10 28.76 16.64 13.33
N ALA F 11 29.64 17.55 12.88
CA ALA F 11 29.75 18.85 13.53
C ALA F 11 28.46 19.66 13.42
N LEU F 12 27.58 19.31 12.49
CA LEU F 12 26.27 19.95 12.44
C LEU F 12 25.42 19.63 13.65
N GLY F 13 25.84 18.67 14.47
CA GLY F 13 25.09 18.24 15.63
C GLY F 13 24.28 16.99 15.37
N PHE F 14 24.89 15.92 14.85
CA PHE F 14 24.16 14.69 14.51
C PHE F 14 24.96 13.44 14.89
N PRO F 15 24.28 12.39 15.36
CA PRO F 15 24.99 11.16 15.74
C PRO F 15 25.71 10.54 14.56
N GLU F 16 26.88 9.95 14.85
CA GLU F 16 27.71 9.37 13.80
C GLU F 16 26.99 8.27 13.02
N SER F 17 26.25 7.41 13.72
CA SER F 17 25.61 6.29 13.04
C SER F 17 24.62 6.77 12.00
N LEU F 18 23.80 7.75 12.36
CA LEU F 18 22.83 8.32 11.43
C LEU F 18 23.52 9.04 10.28
N VAL F 19 24.57 9.80 10.60
CA VAL F 19 25.32 10.53 9.57
C VAL F 19 25.89 9.56 8.52
N ILE F 20 26.49 8.46 8.97
CA ILE F 20 27.05 7.49 8.03
C ILE F 20 25.96 6.90 7.15
N GLN F 21 24.81 6.55 7.77
CA GLN F 21 23.70 6.00 6.99
C GLN F 21 23.22 6.99 5.92
N ALA F 22 22.94 8.23 6.34
CA ALA F 22 22.45 9.20 5.36
C ALA F 22 23.51 9.48 4.32
N TYR F 23 24.78 9.60 4.74
CA TYR F 23 25.84 9.94 3.80
C TYR F 23 25.93 8.89 2.69
N PHE F 24 25.80 7.61 3.02
CA PHE F 24 25.86 6.61 1.96
C PHE F 24 24.53 6.47 1.23
N ALA F 25 23.40 6.66 1.93
CA ALA F 25 22.12 6.62 1.24
C ALA F 25 22.01 7.74 0.21
N CYS F 26 22.66 8.88 0.47
CA CYS F 26 22.72 9.98 -0.49
C CYS F 26 23.83 9.80 -1.48
N GLU F 27 24.12 8.52 -1.80
CA GLU F 27 25.26 8.11 -2.61
C GLU F 27 26.50 8.58 -1.85
N LYS F 28 27.23 9.59 -2.27
CA LYS F 28 28.21 10.12 -1.32
C LYS F 28 28.26 11.64 -1.37
N ASN F 29 27.07 12.22 -1.55
CA ASN F 29 26.88 13.67 -1.62
C ASN F 29 26.76 14.25 -0.22
N GLU F 30 27.84 14.88 0.26
CA GLU F 30 27.81 15.51 1.58
C GLU F 30 26.73 16.58 1.67
N ASN F 31 26.60 17.41 0.64
CA ASN F 31 25.63 18.51 0.70
C ASN F 31 24.20 17.99 0.78
N LEU F 32 23.88 16.95 -0.01
CA LEU F 32 22.53 16.40 0.01
C LEU F 32 22.23 15.70 1.33
N ALA F 33 23.24 15.07 1.94
CA ALA F 33 23.03 14.41 3.23
C ALA F 33 22.78 15.44 4.32
N ALA F 34 23.54 16.53 4.33
CA ALA F 34 23.29 17.64 5.24
C ALA F 34 21.87 18.17 5.10
N ASN F 35 21.45 18.43 3.87
CA ASN F 35 20.09 18.94 3.68
C ASN F 35 19.05 17.93 4.16
N PHE F 36 19.33 16.64 4.01
CA PHE F 36 18.43 15.62 4.53
C PHE F 36 18.38 15.66 6.05
N LEU F 37 19.57 15.67 6.69
CA LEU F 37 19.65 15.64 8.13
C LEU F 37 18.96 16.86 8.74
N LEU F 38 19.21 18.03 8.17
CA LEU F 38 18.61 19.26 8.67
C LEU F 38 17.11 19.34 8.37
N SER F 39 16.58 18.47 7.53
CA SER F 39 15.14 18.41 7.30
C SER F 39 14.43 17.52 8.32
N GLN F 40 15.16 16.85 9.20
CA GLN F 40 14.55 15.98 10.20
C GLN F 40 14.09 16.78 11.42
N ASN G 1 19.29 -17.32 -2.11
CA ASN G 1 18.22 -17.17 -3.10
C ASN G 1 17.37 -15.96 -2.73
N PRO G 2 17.06 -15.13 -3.73
CA PRO G 2 16.38 -13.86 -3.43
C PRO G 2 15.04 -14.00 -2.73
N LEU G 3 14.27 -15.06 -2.94
CA LEU G 3 12.96 -15.20 -2.31
C LEU G 3 13.00 -15.85 -0.93
N GLU G 4 14.17 -16.15 -0.37
CA GLU G 4 14.28 -16.82 0.92
C GLU G 4 14.67 -15.86 2.03
N PHE G 5 14.17 -16.13 3.24
CA PHE G 5 14.57 -15.36 4.43
C PHE G 5 15.17 -16.23 5.51
N LEU G 6 15.10 -17.54 5.38
CA LEU G 6 15.62 -18.48 6.37
C LEU G 6 14.96 -18.29 7.75
N ASN H 1 -13.01 -14.87 17.73
CA ASN H 1 -12.18 -15.30 16.61
C ASN H 1 -11.99 -14.36 15.37
N PRO H 2 -12.14 -13.03 15.51
CA PRO H 2 -11.97 -12.16 14.32
C PRO H 2 -10.59 -12.24 13.67
N LEU H 3 -9.53 -12.54 14.40
CA LEU H 3 -8.18 -12.62 13.83
C LEU H 3 -7.84 -14.00 13.26
N GLU H 4 -8.80 -14.91 13.22
CA GLU H 4 -8.53 -16.26 12.74
C GLU H 4 -9.04 -16.47 11.33
N PHE H 5 -8.32 -17.32 10.58
CA PHE H 5 -8.71 -17.72 9.25
C PHE H 5 -8.90 -19.22 9.12
N LEU H 6 -8.57 -20.00 10.13
CA LEU H 6 -8.73 -21.46 10.14
C LEU H 6 -7.93 -22.12 9.00
ZN ZN I . -9.79 -0.41 -12.07
ZN ZN J . -5.84 -12.51 -6.88
ZN ZN K . 8.20 -1.94 13.03
ZN ZN L . 7.56 10.91 8.20
#